data_6Q8E
#
_entry.id   6Q8E
#
_cell.length_a   144.750
_cell.length_b   144.750
_cell.length_c   144.500
_cell.angle_alpha   90.000
_cell.angle_beta   90.000
_cell.angle_gamma   120.000
#
_symmetry.space_group_name_H-M   'H 3 2'
#
loop_
_entity.id
_entity.type
_entity.pdbx_description
1 polymer 'Branched-chain-amino-acid aminotransferase'
2 non-polymer "4'-DEOXY-4'-AMINOPYRIDOXAL-5'-PHOSPHATE"
3 non-polymer 'CHLORIDE ION'
4 water water
#
_entity_poly.entity_id   1
_entity_poly.type   'polypeptide(L)'
_entity_poly.pdbx_seq_one_letter_code
;MSQQENPKYLWWNHRIIPWEEATVHLTDYWWASVTAVFEGIRGYWNNAEGEMYIFRLEDHARRLEQSMQLIRMPKEFTVD
EICQATIDLVRANDYRGDVYIMPLAYAVGNKAFSVVGDRTTEMFIYSRPAVSRLEEDFSLHACYSSWTRINERVLPPRIK
ALANYRNSQLASSEAAMNGYDTALFLNPEGKVAEGTGSCVFFVRKGKLITPDITSGILESITRDTVIHLAREVLGLEVEE
RVVDRTETYLADEAFLCGTHAEITPIASIDRHEMKHGAPGPITRQLRDIYREVVYGRDFRYRNWLTPVGMGVRAEQ
;
_entity_poly.pdbx_strand_id   A
#
# COMPACT_ATOMS: atom_id res chain seq x y z
N GLU A 5 16.80 -14.74 -10.66
CA GLU A 5 15.44 -14.82 -11.38
C GLU A 5 14.36 -14.68 -10.33
N ASN A 6 14.22 -15.64 -9.42
CA ASN A 6 13.05 -15.75 -8.54
C ASN A 6 13.61 -15.88 -7.12
N PRO A 7 12.83 -15.51 -6.10
CA PRO A 7 13.21 -15.81 -4.73
C PRO A 7 13.28 -17.33 -4.51
N LYS A 8 14.02 -17.71 -3.47
CA LYS A 8 14.21 -19.15 -3.12
C LYS A 8 12.86 -19.76 -2.74
N TYR A 9 12.08 -19.03 -1.95
CA TYR A 9 10.86 -19.56 -1.32
C TYR A 9 9.68 -18.64 -1.51
N LEU A 10 8.51 -19.18 -1.22
CA LEU A 10 7.33 -18.38 -0.86
C LEU A 10 6.59 -19.08 0.28
N TRP A 11 5.61 -18.41 0.83
CA TRP A 11 4.73 -18.96 1.86
C TRP A 11 3.36 -19.15 1.25
N TRP A 12 2.73 -20.31 1.51
CA TRP A 12 1.43 -20.61 0.87
C TRP A 12 0.64 -21.51 1.81
N ASN A 13 -0.49 -21.06 2.29
CA ASN A 13 -1.42 -21.96 3.02
C ASN A 13 -0.68 -22.67 4.16
N HIS A 14 -0.08 -21.89 5.02
CA HIS A 14 0.49 -22.27 6.33
C HIS A 14 1.88 -22.87 6.19
N ARG A 15 2.52 -22.91 5.03
CA ARG A 15 3.89 -23.47 4.97
CA ARG A 15 3.90 -23.47 4.99
C ARG A 15 4.78 -22.70 4.00
N ILE A 16 6.04 -22.64 4.35
CA ILE A 16 7.09 -22.18 3.39
C ILE A 16 7.39 -23.33 2.39
N ILE A 17 7.41 -23.02 1.11
CA ILE A 17 7.76 -24.03 0.07
C ILE A 17 8.78 -23.43 -0.89
N PRO A 18 9.62 -24.28 -1.51
CA PRO A 18 10.50 -23.79 -2.56
C PRO A 18 9.67 -23.19 -3.68
N TRP A 19 10.18 -22.13 -4.27
CA TRP A 19 9.49 -21.40 -5.36
C TRP A 19 8.90 -22.32 -6.46
N GLU A 20 9.68 -23.30 -6.91
CA GLU A 20 9.40 -24.07 -8.10
C GLU A 20 8.28 -25.05 -7.74
N GLU A 21 7.96 -25.27 -6.45
CA GLU A 21 6.89 -26.19 -6.04
C GLU A 21 5.50 -25.54 -6.10
N ALA A 22 5.41 -24.25 -6.30
CA ALA A 22 4.10 -23.52 -6.30
C ALA A 22 3.52 -23.46 -7.72
N THR A 23 3.51 -24.61 -8.42
CA THR A 23 2.94 -24.72 -9.75
C THR A 23 1.45 -24.97 -9.64
N VAL A 24 0.71 -24.40 -10.55
CA VAL A 24 -0.78 -24.45 -10.55
C VAL A 24 -1.23 -24.48 -11.99
N HIS A 25 -2.50 -24.61 -12.21
CA HIS A 25 -3.09 -24.62 -13.57
C HIS A 25 -3.41 -23.17 -13.96
N LEU A 26 -3.27 -22.88 -15.24
CA LEU A 26 -3.67 -21.60 -15.83
C LEU A 26 -5.07 -21.20 -15.36
N THR A 27 -6.01 -22.13 -15.32
CA THR A 27 -7.42 -21.80 -15.07
C THR A 27 -7.74 -21.69 -13.56
N ASP A 28 -6.79 -21.86 -12.65
CA ASP A 28 -7.15 -22.08 -11.24
C ASP A 28 -7.68 -20.84 -10.51
N TYR A 29 -7.21 -19.63 -10.80
CA TYR A 29 -7.43 -18.50 -9.84
C TYR A 29 -8.15 -17.28 -10.43
N TRP A 30 -8.66 -17.32 -11.67
CA TRP A 30 -9.30 -16.12 -12.26
C TRP A 30 -10.54 -15.71 -11.44
N TRP A 31 -11.42 -16.64 -11.16
CA TRP A 31 -12.60 -16.35 -10.31
C TRP A 31 -12.15 -15.95 -8.92
N ALA A 32 -11.21 -16.67 -8.32
CA ALA A 32 -10.67 -16.31 -7.02
C ALA A 32 -10.14 -14.86 -6.97
N SER A 33 -9.63 -14.36 -8.09
CA SER A 33 -9.01 -13.04 -8.02
C SER A 33 -10.04 -11.95 -7.72
N VAL A 34 -11.29 -12.18 -8.04
CA VAL A 34 -12.35 -11.17 -7.80
C VAL A 34 -12.57 -11.03 -6.28
N THR A 35 -12.28 -12.04 -5.49
CA THR A 35 -12.39 -12.01 -4.01
C THR A 35 -11.12 -11.46 -3.36
N ALA A 36 -10.00 -11.32 -4.09
CA ALA A 36 -8.71 -11.25 -3.44
C ALA A 36 -8.48 -9.88 -2.77
N VAL A 37 -7.78 -9.90 -1.67
CA VAL A 37 -7.26 -8.70 -0.96
C VAL A 37 -5.79 -8.92 -0.69
N PHE A 38 -5.06 -7.85 -0.46
CA PHE A 38 -3.60 -7.94 -0.33
C PHE A 38 -3.04 -6.83 0.53
N GLU A 39 -1.78 -6.94 0.85
CA GLU A 39 -1.00 -5.92 1.55
C GLU A 39 0.30 -5.67 0.79
N GLY A 40 0.84 -4.50 1.01
CA GLY A 40 2.22 -4.18 0.61
C GLY A 40 3.00 -3.84 1.85
N ILE A 41 4.11 -4.53 2.07
CA ILE A 41 4.92 -4.41 3.29
C ILE A 41 6.36 -4.25 2.82
N ARG A 42 7.10 -3.33 3.42
CA ARG A 42 8.54 -3.26 3.08
C ARG A 42 9.38 -3.79 4.22
N GLY A 43 10.49 -4.45 3.83
CA GLY A 43 11.64 -4.72 4.70
C GLY A 43 12.80 -3.85 4.28
N TYR A 44 13.38 -3.15 5.22
CA TYR A 44 14.56 -2.29 4.98
C TYR A 44 15.78 -2.92 5.63
N TRP A 45 16.80 -3.09 4.81
CA TRP A 45 18.04 -3.73 5.18
C TRP A 45 19.04 -2.76 5.80
N ASN A 46 19.47 -3.04 7.02
CA ASN A 46 20.51 -2.28 7.74
C ASN A 46 21.78 -3.17 7.79
N ASN A 47 22.72 -2.90 6.92
CA ASN A 47 23.93 -3.71 6.76
C ASN A 47 24.81 -3.58 8.03
N ALA A 48 24.78 -2.47 8.72
CA ALA A 48 25.61 -2.22 9.90
C ALA A 48 25.13 -3.15 11.02
N GLU A 49 23.85 -3.44 11.08
CA GLU A 49 23.23 -4.23 12.17
C GLU A 49 23.04 -5.69 11.71
N GLY A 50 23.10 -6.00 10.40
CA GLY A 50 22.84 -7.37 9.88
C GLY A 50 21.38 -7.73 10.05
N GLU A 51 20.47 -6.72 9.99
CA GLU A 51 19.07 -6.88 10.39
C GLU A 51 18.22 -6.28 9.28
N MET A 52 17.15 -7.01 8.94
CA MET A 52 16.06 -6.46 8.14
C MET A 52 15.05 -5.88 9.13
N TYR A 53 14.54 -4.69 8.85
CA TYR A 53 13.44 -4.12 9.64
C TYR A 53 12.18 -4.14 8.80
N ILE A 54 11.18 -4.97 9.19
CA ILE A 54 9.89 -5.00 8.47
C ILE A 54 9.04 -3.88 9.11
N PHE A 55 8.50 -2.99 8.30
CA PHE A 55 7.89 -1.74 8.85
C PHE A 55 6.40 -1.97 9.12
N ARG A 56 6.03 -1.76 10.39
CA ARG A 56 4.61 -1.82 10.83
C ARG A 56 3.95 -3.10 10.30
N LEU A 57 4.61 -4.24 10.62
CA LEU A 57 4.13 -5.56 10.13
C LEU A 57 2.76 -5.89 10.75
N GLU A 58 2.63 -5.70 12.08
CA GLU A 58 1.36 -6.08 12.76
C GLU A 58 0.21 -5.22 12.22
N ASP A 59 0.48 -3.94 11.95
CA ASP A 59 -0.60 -3.04 11.41
C ASP A 59 -1.03 -3.53 10.04
N HIS A 60 -0.06 -3.94 9.22
CA HIS A 60 -0.39 -4.46 7.88
C HIS A 60 -1.18 -5.78 8.01
N ALA A 61 -0.75 -6.65 8.92
CA ALA A 61 -1.41 -7.97 9.12
C ALA A 61 -2.86 -7.76 9.57
N ARG A 62 -3.03 -6.80 10.49
CA ARG A 62 -4.37 -6.47 11.02
C ARG A 62 -5.23 -5.91 9.88
N ARG A 63 -4.67 -5.06 9.02
CA ARG A 63 -5.49 -4.53 7.91
C ARG A 63 -5.87 -5.67 6.94
N LEU A 64 -4.95 -6.59 6.69
CA LEU A 64 -5.26 -7.72 5.80
C LEU A 64 -6.42 -8.54 6.43
N GLU A 65 -6.36 -8.81 7.74
CA GLU A 65 -7.43 -9.58 8.42
C GLU A 65 -8.77 -8.83 8.31
N GLN A 66 -8.73 -7.51 8.41
CA GLN A 66 -9.93 -6.64 8.22
C GLN A 66 -10.47 -6.71 6.81
N SER A 67 -9.57 -6.62 5.82
CA SER A 67 -9.99 -6.70 4.42
C SER A 67 -10.67 -8.07 4.21
N MET A 68 -10.04 -9.15 4.71
CA MET A 68 -10.56 -10.51 4.50
C MET A 68 -11.93 -10.62 5.19
N GLN A 69 -12.08 -9.94 6.33
CA GLN A 69 -13.40 -9.99 7.05
C GLN A 69 -14.47 -9.31 6.21
N LEU A 70 -14.10 -8.17 5.62
CA LEU A 70 -15.02 -7.36 4.78
C LEU A 70 -15.40 -8.08 3.50
N ILE A 71 -14.50 -8.89 2.91
CA ILE A 71 -14.82 -9.73 1.73
C ILE A 71 -15.71 -10.91 2.13
N ARG A 72 -15.71 -11.26 3.42
CA ARG A 72 -16.46 -12.37 4.00
C ARG A 72 -15.73 -13.69 3.80
N MET A 73 -14.43 -13.69 3.73
CA MET A 73 -13.61 -14.93 3.69
C MET A 73 -13.71 -15.65 5.04
N PRO A 74 -14.08 -16.96 5.03
CA PRO A 74 -14.01 -17.71 6.27
C PRO A 74 -12.66 -17.54 6.97
N LYS A 75 -12.73 -17.51 8.26
CA LYS A 75 -11.56 -17.43 9.12
C LYS A 75 -10.65 -18.67 8.95
N GLU A 76 -9.37 -18.42 8.63
CA GLU A 76 -8.38 -19.50 8.36
C GLU A 76 -6.99 -19.12 8.88
N PHE A 77 -6.65 -17.85 8.81
CA PHE A 77 -5.29 -17.35 9.17
C PHE A 77 -5.43 -16.34 10.26
N THR A 78 -4.51 -16.24 11.16
CA THR A 78 -4.56 -15.19 12.19
C THR A 78 -3.51 -14.10 11.88
N VAL A 79 -3.67 -12.95 12.56
CA VAL A 79 -2.68 -11.86 12.55
C VAL A 79 -1.28 -12.40 12.95
N ASP A 80 -1.15 -13.16 14.03
CA ASP A 80 0.15 -13.59 14.54
C ASP A 80 0.73 -14.52 13.45
N GLU A 81 -0.08 -15.36 12.78
CA GLU A 81 0.46 -16.30 11.78
C GLU A 81 0.97 -15.51 10.56
N ILE A 82 0.25 -14.47 10.14
CA ILE A 82 0.69 -13.63 8.99
C ILE A 82 2.04 -12.99 9.37
N CYS A 83 2.17 -12.41 10.55
CA CYS A 83 3.41 -11.76 11.01
C CYS A 83 4.54 -12.80 10.97
N GLN A 84 4.32 -13.95 11.61
CA GLN A 84 5.37 -14.96 11.75
C GLN A 84 5.78 -15.47 10.36
N ALA A 85 4.83 -15.69 9.46
CA ALA A 85 5.11 -16.23 8.12
C ALA A 85 6.00 -15.21 7.39
N THR A 86 5.72 -13.91 7.57
CA THR A 86 6.48 -12.85 6.87
C THR A 86 7.93 -12.89 7.36
N ILE A 87 8.12 -12.95 8.65
CA ILE A 87 9.47 -12.99 9.27
C ILE A 87 10.18 -14.24 8.71
N ASP A 88 9.53 -15.40 8.78
CA ASP A 88 10.10 -16.72 8.42
C ASP A 88 10.51 -16.68 6.93
N LEU A 89 9.70 -16.05 6.05
CA LEU A 89 9.97 -16.01 4.61
C LEU A 89 11.17 -15.08 4.33
N VAL A 90 11.20 -13.90 4.95
CA VAL A 90 12.28 -12.96 4.71
C VAL A 90 13.61 -13.58 5.15
N ARG A 91 13.62 -14.28 6.28
CA ARG A 91 14.86 -14.96 6.75
C ARG A 91 15.22 -16.09 5.78
N ALA A 92 14.29 -16.97 5.41
CA ALA A 92 14.59 -18.18 4.60
C ALA A 92 15.04 -17.76 3.22
N ASN A 93 14.54 -16.63 2.68
CA ASN A 93 15.00 -16.22 1.33
C ASN A 93 16.47 -15.75 1.35
N ASP A 94 16.99 -15.36 2.49
CA ASP A 94 18.40 -15.04 2.70
C ASP A 94 18.82 -13.97 1.72
N TYR A 95 17.94 -13.03 1.42
CA TYR A 95 18.30 -11.86 0.62
C TYR A 95 18.54 -10.69 1.57
N ARG A 96 19.79 -10.20 1.62
CA ARG A 96 20.20 -9.13 2.53
C ARG A 96 20.13 -7.81 1.76
N GLY A 97 18.93 -7.30 1.64
CA GLY A 97 18.69 -6.05 0.93
C GLY A 97 17.24 -5.67 1.02
N ASP A 98 16.94 -4.49 0.55
CA ASP A 98 15.56 -4.00 0.70
C ASP A 98 14.58 -4.90 -0.05
N VAL A 99 13.41 -5.18 0.53
CA VAL A 99 12.39 -6.09 -0.07
C VAL A 99 11.03 -5.40 -0.02
N TYR A 100 10.19 -5.89 -0.90
CA TYR A 100 8.74 -5.60 -0.91
C TYR A 100 7.99 -6.92 -0.83
N ILE A 101 7.09 -6.99 0.14
CA ILE A 101 6.43 -8.24 0.55
C ILE A 101 4.92 -8.06 0.26
N MET A 102 4.36 -9.00 -0.44
CA MET A 102 2.93 -9.00 -0.77
C MET A 102 2.25 -10.27 -0.24
N PRO A 103 1.59 -10.19 0.95
CA PRO A 103 0.59 -11.19 1.30
C PRO A 103 -0.64 -10.97 0.44
N LEU A 104 -1.22 -12.03 -0.07
CA LEU A 104 -2.43 -11.98 -0.89
C LEU A 104 -3.35 -13.12 -0.47
N ALA A 105 -4.56 -12.78 -0.07
CA ALA A 105 -5.57 -13.77 0.41
C ALA A 105 -6.69 -13.84 -0.63
N TYR A 106 -7.28 -15.01 -0.81
CA TYR A 106 -8.32 -15.23 -1.82
C TYR A 106 -9.22 -16.35 -1.32
N ALA A 107 -10.42 -16.35 -1.83
CA ALA A 107 -11.39 -17.41 -1.54
C ALA A 107 -11.60 -18.24 -2.78
N VAL A 108 -11.44 -19.56 -2.78
N VAL A 108 -11.63 -19.54 -2.46
CA VAL A 108 -11.55 -20.35 -4.06
CA VAL A 108 -11.84 -20.71 -3.35
C VAL A 108 -12.84 -21.16 -4.06
C VAL A 108 -13.24 -21.28 -3.12
N GLY A 109 -13.44 -21.37 -5.22
N GLY A 109 -13.95 -21.31 -4.23
CA GLY A 109 -14.63 -22.25 -5.40
CA GLY A 109 -15.32 -21.83 -4.18
C GLY A 109 -14.42 -23.26 -6.53
C GLY A 109 -15.90 -21.95 -5.56
N ASN A 110 -15.43 -23.47 -7.38
N ASN A 110 -16.96 -21.17 -5.80
CA ASN A 110 -15.35 -24.50 -8.46
CA ASN A 110 -17.73 -21.19 -7.06
C ASN A 110 -15.15 -23.80 -9.80
C ASN A 110 -16.87 -20.83 -8.28
N LYS A 111 -14.14 -22.93 -9.85
N LYS A 111 -16.69 -21.83 -9.14
CA LYS A 111 -13.80 -22.13 -11.06
CA LYS A 111 -16.02 -21.66 -10.45
C LYS A 111 -15.08 -21.51 -11.64
C LYS A 111 -16.88 -20.61 -11.22
N ALA A 112 -15.81 -20.76 -10.83
N ALA A 112 -17.20 -19.50 -10.54
CA ALA A 112 -17.05 -20.06 -11.29
CA ALA A 112 -18.05 -18.39 -11.05
C ALA A 112 -17.30 -18.81 -10.41
C ALA A 112 -17.51 -17.02 -10.57
N PHE A 113 -18.29 -17.94 -10.53
N PHE A 113 -17.90 -15.93 -11.24
CA PHE A 113 -18.72 -16.94 -9.52
CA PHE A 113 -17.41 -14.59 -10.85
C PHE A 113 -19.74 -17.67 -8.64
C PHE A 113 -18.45 -13.83 -10.04
N SER A 114 -19.69 -17.41 -7.33
N SER A 114 -19.72 -13.95 -10.43
CA SER A 114 -20.61 -17.99 -6.32
CA SER A 114 -20.79 -13.05 -9.86
C SER A 114 -20.63 -17.08 -5.08
C SER A 114 -21.31 -13.51 -8.46
N VAL A 115 -21.13 -17.55 -3.93
N VAL A 115 -21.10 -14.80 -8.16
CA VAL A 115 -21.07 -16.61 -2.77
CA VAL A 115 -21.49 -15.45 -6.87
C VAL A 115 -19.81 -16.90 -1.93
C VAL A 115 -20.40 -16.41 -6.38
N VAL A 116 -19.14 -15.84 -1.53
N VAL A 116 -19.98 -16.24 -5.12
CA VAL A 116 -17.79 -15.88 -0.89
CA VAL A 116 -18.95 -17.12 -4.47
C VAL A 116 -17.84 -16.80 0.33
C VAL A 116 -19.49 -17.48 -3.08
N GLY A 117 -18.85 -16.69 1.17
N GLY A 117 -20.32 -18.53 -3.02
CA GLY A 117 -18.80 -17.41 2.47
CA GLY A 117 -20.95 -18.99 -1.75
C GLY A 117 -18.88 -18.96 2.34
C GLY A 117 -20.00 -19.74 -0.85
N ASP A 118 -19.21 -19.46 1.16
N ASP A 118 -20.33 -21.00 -0.51
CA ASP A 118 -19.28 -20.92 0.89
CA ASP A 118 -19.45 -21.83 0.35
C ASP A 118 -17.92 -21.39 0.33
C ASP A 118 -18.07 -21.83 -0.31
N ARG A 119 -16.94 -20.48 0.18
N ARG A 119 -17.09 -21.23 0.34
CA ARG A 119 -15.66 -20.77 -0.49
CA ARG A 119 -15.75 -21.01 -0.25
C ARG A 119 -14.66 -21.09 0.64
C ARG A 119 -14.70 -21.43 0.78
N THR A 120 -13.44 -21.60 0.33
CA THR A 120 -12.33 -21.88 1.29
C THR A 120 -11.32 -20.74 1.16
N THR A 121 -10.83 -20.26 2.27
CA THR A 121 -9.84 -19.17 2.33
C THR A 121 -8.41 -19.70 2.20
N GLU A 122 -7.67 -19.08 1.28
CA GLU A 122 -6.23 -19.39 1.05
C GLU A 122 -5.42 -18.08 1.05
N MET A 123 -4.12 -18.20 1.14
CA MET A 123 -3.23 -17.01 1.20
C MET A 123 -1.84 -17.45 0.77
N PHE A 124 -1.12 -16.58 0.07
CA PHE A 124 0.34 -16.72 -0.08
C PHE A 124 1.00 -15.41 0.30
N ILE A 125 2.29 -15.48 0.53
CA ILE A 125 3.14 -14.28 0.80
C ILE A 125 4.36 -14.39 -0.12
N TYR A 126 4.65 -13.32 -0.85
CA TYR A 126 5.68 -13.28 -1.90
C TYR A 126 6.58 -12.10 -1.53
N SER A 127 7.83 -12.36 -1.23
CA SER A 127 8.85 -11.33 -0.89
C SER A 127 9.88 -11.28 -2.01
N ARG A 128 10.16 -10.08 -2.52
CA ARG A 128 11.08 -9.90 -3.67
C ARG A 128 11.96 -8.69 -3.37
N PRO A 129 13.18 -8.62 -3.96
CA PRO A 129 13.98 -7.42 -3.83
C PRO A 129 13.22 -6.25 -4.42
N ALA A 130 13.39 -5.10 -3.78
CA ALA A 130 12.80 -3.84 -4.24
C ALA A 130 13.65 -2.71 -3.73
N VAL A 131 14.06 -1.80 -4.59
CA VAL A 131 14.96 -0.71 -4.13
C VAL A 131 14.11 0.39 -3.48
N SER A 132 14.79 1.11 -2.60
CA SER A 132 14.29 2.35 -1.96
C SER A 132 14.83 3.53 -2.78
N ARG A 133 14.03 4.57 -2.88
CA ARG A 133 14.45 5.87 -3.47
C ARG A 133 14.57 6.95 -2.39
N LEU A 134 14.61 6.57 -1.13
CA LEU A 134 14.65 7.57 -0.07
C LEU A 134 15.99 8.32 -0.04
N GLU A 135 17.09 7.88 -0.71
CA GLU A 135 18.36 8.70 -0.72
C GLU A 135 18.35 9.56 -1.99
N GLU A 136 17.32 9.54 -2.82
CA GLU A 136 17.27 10.17 -4.15
C GLU A 136 16.35 11.40 -4.10
N ASP A 137 16.75 12.47 -4.75
CA ASP A 137 15.89 13.66 -4.87
C ASP A 137 15.25 13.56 -6.25
N PHE A 138 13.94 13.30 -6.31
CA PHE A 138 13.18 13.18 -7.58
C PHE A 138 11.77 13.71 -7.30
N SER A 139 11.02 13.97 -8.34
CA SER A 139 9.64 14.45 -8.21
C SER A 139 8.83 14.00 -9.42
N LEU A 140 7.52 13.96 -9.23
CA LEU A 140 6.57 13.56 -10.27
C LEU A 140 5.62 14.72 -10.60
N HIS A 141 5.13 14.69 -11.83
CA HIS A 141 4.11 15.63 -12.35
C HIS A 141 2.78 14.87 -12.34
N ALA A 142 1.81 15.41 -11.62
CA ALA A 142 0.52 14.72 -11.44
C ALA A 142 -0.59 15.41 -12.23
N CYS A 143 -1.66 14.67 -12.54
CA CYS A 143 -2.90 15.24 -13.05
C CYS A 143 -4.03 14.74 -12.15
N TYR A 144 -5.14 15.47 -12.09
CA TYR A 144 -6.38 14.89 -11.60
C TYR A 144 -7.05 14.16 -12.78
N SER A 145 -7.51 12.95 -12.49
CA SER A 145 -8.16 12.11 -13.50
C SER A 145 -9.58 12.58 -13.87
N SER A 146 -10.00 12.30 -15.07
CA SER A 146 -11.38 12.40 -15.57
C SER A 146 -12.25 11.25 -15.05
N TRP A 147 -11.62 10.22 -14.47
CA TRP A 147 -12.30 9.05 -13.90
C TRP A 147 -12.41 9.30 -12.40
N THR A 148 -13.57 8.93 -11.83
CA THR A 148 -13.89 9.18 -10.41
C THR A 148 -13.43 7.99 -9.56
N ARG A 149 -13.07 8.25 -8.35
CA ARG A 149 -12.68 7.19 -7.38
C ARG A 149 -13.94 6.40 -7.00
N ILE A 150 -13.73 5.08 -6.83
CA ILE A 150 -14.66 4.20 -6.13
C ILE A 150 -14.98 4.81 -4.77
N ASN A 151 -16.21 4.51 -4.32
CA ASN A 151 -16.76 5.00 -3.03
C ASN A 151 -17.48 3.86 -2.30
N GLU A 152 -17.86 4.18 -1.09
CA GLU A 152 -18.56 3.22 -0.20
C GLU A 152 -19.84 2.71 -0.86
N ARG A 153 -20.52 3.46 -1.74
CA ARG A 153 -21.76 2.97 -2.30
C ARG A 153 -21.54 1.76 -3.18
N VAL A 154 -20.36 1.65 -3.86
CA VAL A 154 -20.19 0.63 -4.92
C VAL A 154 -19.03 -0.30 -4.62
N LEU A 155 -17.90 0.19 -4.10
CA LEU A 155 -16.66 -0.63 -3.91
C LEU A 155 -15.85 0.10 -2.86
N PRO A 156 -16.04 -0.22 -1.57
CA PRO A 156 -15.42 0.52 -0.50
C PRO A 156 -13.91 0.59 -0.60
N PRO A 157 -13.32 1.79 -0.66
CA PRO A 157 -11.86 1.90 -0.76
C PRO A 157 -11.07 1.55 0.48
N ARG A 158 -11.74 1.35 1.63
CA ARG A 158 -11.10 0.84 2.87
C ARG A 158 -10.64 -0.60 2.65
N ILE A 159 -11.34 -1.34 1.82
CA ILE A 159 -11.02 -2.76 1.58
C ILE A 159 -9.86 -2.75 0.58
N LYS A 160 -8.72 -3.39 0.88
CA LYS A 160 -7.59 -3.36 -0.09
C LYS A 160 -7.79 -4.53 -1.06
N ALA A 161 -8.78 -4.45 -1.91
CA ALA A 161 -9.22 -5.48 -2.86
C ALA A 161 -8.45 -5.32 -4.18
N LEU A 162 -7.99 -6.40 -4.80
CA LEU A 162 -7.43 -6.36 -6.14
C LEU A 162 -8.36 -5.63 -7.12
N ALA A 163 -9.64 -5.87 -7.06
CA ALA A 163 -10.59 -5.35 -8.06
C ALA A 163 -10.58 -3.78 -8.04
N ASN A 164 -10.33 -3.18 -6.89
CA ASN A 164 -10.27 -1.69 -6.76
C ASN A 164 -9.32 -1.14 -7.81
N TYR A 165 -8.26 -1.90 -8.10
CA TYR A 165 -7.16 -1.40 -8.95
C TYR A 165 -7.60 -1.30 -10.40
N ARG A 166 -8.71 -1.85 -10.82
CA ARG A 166 -9.26 -1.59 -12.17
C ARG A 166 -9.59 -0.11 -12.27
N ASN A 167 -10.13 0.47 -11.21
CA ASN A 167 -10.40 1.91 -11.19
C ASN A 167 -9.05 2.66 -11.16
N SER A 168 -8.09 2.26 -10.32
CA SER A 168 -6.71 2.86 -10.37
C SER A 168 -6.19 2.86 -11.81
N GLN A 169 -6.37 1.79 -12.58
CA GLN A 169 -5.80 1.68 -13.92
C GLN A 169 -6.47 2.62 -14.88
N LEU A 170 -7.77 2.87 -14.77
CA LEU A 170 -8.39 3.90 -15.61
C LEU A 170 -7.54 5.20 -15.47
N ALA A 171 -7.29 5.61 -14.24
CA ALA A 171 -6.61 6.89 -13.96
C ALA A 171 -5.15 6.81 -14.35
N SER A 172 -4.45 5.73 -14.04
CA SER A 172 -3.00 5.69 -14.30
C SER A 172 -2.81 5.59 -15.83
N SER A 173 -3.64 4.92 -16.57
CA SER A 173 -3.49 4.87 -18.04
CA SER A 173 -3.62 4.87 -18.06
C SER A 173 -3.73 6.26 -18.65
N GLU A 174 -4.71 7.01 -18.14
CA GLU A 174 -5.01 8.36 -18.64
C GLU A 174 -3.78 9.22 -18.37
N ALA A 175 -3.22 9.16 -17.19
CA ALA A 175 -2.09 10.04 -16.83
C ALA A 175 -0.96 9.78 -17.83
N ALA A 176 -0.64 8.50 -18.05
CA ALA A 176 0.48 8.17 -18.96
C ALA A 176 0.19 8.68 -20.38
N MET A 177 -1.00 8.47 -20.93
CA MET A 177 -1.28 8.86 -22.30
C MET A 177 -1.31 10.41 -22.42
N ASN A 178 -1.53 11.11 -21.30
CA ASN A 178 -1.68 12.57 -21.32
C ASN A 178 -0.41 13.27 -20.85
N GLY A 179 0.66 12.52 -20.71
CA GLY A 179 2.00 13.08 -20.49
C GLY A 179 2.32 13.42 -19.05
N TYR A 180 1.62 12.80 -18.09
CA TYR A 180 1.89 12.96 -16.66
C TYR A 180 2.53 11.68 -16.08
N ASP A 181 3.16 11.80 -14.91
CA ASP A 181 3.83 10.69 -14.23
C ASP A 181 2.82 9.88 -13.44
N THR A 182 1.78 10.53 -12.94
CA THR A 182 0.93 9.90 -11.89
C THR A 182 -0.41 10.63 -11.85
N ALA A 183 -1.45 9.95 -11.40
CA ALA A 183 -2.81 10.50 -11.30
C ALA A 183 -3.29 10.60 -9.87
N LEU A 184 -4.05 11.66 -9.60
CA LEU A 184 -4.81 11.86 -8.38
C LEU A 184 -6.29 11.76 -8.75
N PHE A 185 -7.06 11.27 -7.76
CA PHE A 185 -8.51 11.12 -7.93
C PHE A 185 -9.31 12.18 -7.15
N LEU A 186 -10.44 12.52 -7.75
CA LEU A 186 -11.60 13.12 -7.07
C LEU A 186 -12.60 12.01 -6.75
N ASN A 187 -13.33 12.21 -5.65
CA ASN A 187 -14.43 11.34 -5.26
C ASN A 187 -15.70 11.80 -5.94
N PRO A 188 -16.82 11.04 -5.83
CA PRO A 188 -18.01 11.40 -6.58
C PRO A 188 -18.58 12.80 -6.29
N GLU A 189 -18.35 13.31 -5.08
CA GLU A 189 -18.78 14.66 -4.69
C GLU A 189 -17.82 15.72 -5.24
N GLY A 190 -16.73 15.31 -5.84
CA GLY A 190 -15.77 16.22 -6.46
C GLY A 190 -14.64 16.63 -5.58
N LYS A 191 -14.45 16.04 -4.42
CA LYS A 191 -13.41 16.34 -3.44
C LYS A 191 -12.19 15.45 -3.66
N VAL A 192 -11.06 15.90 -3.18
CA VAL A 192 -9.80 15.16 -3.41
C VAL A 192 -9.85 13.87 -2.53
N ALA A 193 -9.44 12.77 -3.16
CA ALA A 193 -9.36 11.45 -2.50
C ALA A 193 -7.91 11.03 -2.32
N GLU A 194 -7.41 10.24 -3.26
CA GLU A 194 -6.09 9.60 -3.09
C GLU A 194 -5.50 9.48 -4.49
N GLY A 195 -4.26 9.00 -4.51
CA GLY A 195 -3.61 8.59 -5.78
C GLY A 195 -4.01 7.19 -6.14
N THR A 196 -3.46 6.67 -7.22
CA THR A 196 -3.82 5.35 -7.78
C THR A 196 -3.21 4.25 -6.90
N GLY A 197 -2.16 4.54 -6.15
CA GLY A 197 -1.45 3.55 -5.29
C GLY A 197 -0.80 4.17 -4.06
N SER A 198 -1.32 5.30 -3.60
CA SER A 198 -0.74 6.08 -2.49
C SER A 198 -1.80 7.09 -1.98
N CYS A 199 -1.60 7.60 -0.77
CA CYS A 199 -2.35 8.78 -0.26
C CYS A 199 -1.56 10.04 -0.66
N VAL A 200 -2.17 11.21 -0.57
CA VAL A 200 -1.57 12.50 -0.99
C VAL A 200 -1.63 13.48 0.19
N PHE A 201 -0.56 14.20 0.38
CA PHE A 201 -0.42 15.32 1.34
C PHE A 201 -0.09 16.60 0.58
N PHE A 202 -0.53 17.70 1.18
CA PHE A 202 -0.30 19.05 0.68
C PHE A 202 0.26 19.85 1.83
N VAL A 203 1.19 20.75 1.49
CA VAL A 203 1.79 21.70 2.44
C VAL A 203 1.40 23.10 1.97
N ARG A 204 0.82 23.88 2.86
CA ARG A 204 0.48 25.29 2.57
C ARG A 204 0.57 26.09 3.84
N LYS A 205 1.26 27.22 3.76
CA LYS A 205 1.42 28.12 4.92
C LYS A 205 1.95 27.35 6.14
N GLY A 206 2.88 26.42 5.91
CA GLY A 206 3.65 25.72 6.96
C GLY A 206 2.84 24.63 7.63
N LYS A 207 1.63 24.34 7.15
CA LYS A 207 0.84 23.23 7.69
C LYS A 207 0.61 22.13 6.67
N LEU A 208 0.37 20.92 7.22
CA LEU A 208 0.13 19.71 6.37
C LEU A 208 -1.36 19.49 6.32
N ILE A 209 -1.87 19.22 5.15
CA ILE A 209 -3.27 18.95 4.82
C ILE A 209 -3.35 17.61 4.08
N THR A 210 -4.32 16.77 4.44
CA THR A 210 -4.53 15.49 3.73
C THR A 210 -6.03 15.21 3.79
N PRO A 211 -6.60 14.60 2.76
CA PRO A 211 -7.99 14.16 2.79
C PRO A 211 -8.25 13.26 3.98
N ASP A 212 -9.37 13.53 4.65
CA ASP A 212 -9.82 12.65 5.75
C ASP A 212 -10.20 11.25 5.18
N ILE A 213 -10.24 10.30 6.09
CA ILE A 213 -10.43 8.90 5.67
C ILE A 213 -11.80 8.73 5.02
N THR A 214 -12.82 9.48 5.45
CA THR A 214 -14.11 9.34 4.82
C THR A 214 -14.25 10.09 3.52
N SER A 215 -13.19 10.65 3.00
CA SER A 215 -13.16 11.17 1.62
C SER A 215 -13.18 10.01 0.61
N GLY A 216 -12.97 8.78 1.08
CA GLY A 216 -13.05 7.62 0.19
C GLY A 216 -11.67 7.16 -0.27
N ILE A 217 -10.88 6.75 0.70
CA ILE A 217 -9.45 6.42 0.52
C ILE A 217 -9.13 5.18 1.33
N LEU A 218 -7.97 4.58 0.99
CA LEU A 218 -7.39 3.55 1.85
C LEU A 218 -6.91 4.20 3.16
N GLU A 219 -7.04 3.54 4.30
CA GLU A 219 -6.47 3.99 5.57
CA GLU A 219 -6.47 4.02 5.59
C GLU A 219 -4.96 3.70 5.60
N SER A 220 -4.21 4.45 4.83
CA SER A 220 -2.77 4.26 4.54
C SER A 220 -1.97 4.28 5.85
N ILE A 221 -1.11 3.27 6.03
CA ILE A 221 -0.22 3.18 7.18
C ILE A 221 0.92 4.20 7.02
N THR A 222 1.40 4.44 5.80
CA THR A 222 2.42 5.49 5.57
C THR A 222 1.81 6.88 5.90
N ARG A 223 0.53 7.10 5.58
CA ARG A 223 -0.18 8.33 5.96
C ARG A 223 -0.18 8.50 7.48
N ASP A 224 -0.56 7.46 8.21
CA ASP A 224 -0.60 7.51 9.67
C ASP A 224 0.80 7.85 10.18
N THR A 225 1.83 7.16 9.63
CA THR A 225 3.23 7.36 10.05
C THR A 225 3.62 8.85 9.87
N VAL A 226 3.29 9.39 8.71
CA VAL A 226 3.69 10.78 8.36
C VAL A 226 2.98 11.75 9.31
N ILE A 227 1.71 11.50 9.66
CA ILE A 227 0.97 12.39 10.60
C ILE A 227 1.70 12.41 11.95
N HIS A 228 2.05 11.21 12.47
CA HIS A 228 2.78 11.11 13.74
C HIS A 228 4.12 11.88 13.67
N LEU A 229 4.90 11.65 12.62
CA LEU A 229 6.26 12.27 12.52
C LEU A 229 6.13 13.77 12.37
N ALA A 230 5.16 14.24 11.60
CA ALA A 230 4.99 15.68 11.34
C ALA A 230 4.65 16.36 12.67
N ARG A 231 3.75 15.76 13.46
CA ARG A 231 3.32 16.38 14.73
C ARG A 231 4.39 16.23 15.80
N GLU A 232 4.98 15.06 15.93
CA GLU A 232 5.85 14.69 17.08
C GLU A 232 7.28 15.20 16.87
N VAL A 233 7.83 15.03 15.68
CA VAL A 233 9.25 15.37 15.45
C VAL A 233 9.32 16.83 14.99
N LEU A 234 8.48 17.22 14.03
CA LEU A 234 8.59 18.60 13.44
C LEU A 234 7.68 19.60 14.15
N GLY A 235 6.74 19.16 14.97
CA GLY A 235 5.82 20.11 15.64
C GLY A 235 4.89 20.79 14.68
N LEU A 236 4.54 20.19 13.58
CA LEU A 236 3.65 20.83 12.55
C LEU A 236 2.17 20.60 12.88
N GLU A 237 1.31 21.51 12.44
CA GLU A 237 -0.16 21.33 12.46
C GLU A 237 -0.46 20.43 11.27
N VAL A 238 -1.31 19.44 11.48
CA VAL A 238 -1.75 18.58 10.38
C VAL A 238 -3.26 18.58 10.40
N GLU A 239 -3.87 18.81 9.28
CA GLU A 239 -5.35 18.85 9.11
C GLU A 239 -5.81 17.68 8.23
N GLU A 240 -6.59 16.78 8.82
CA GLU A 240 -7.29 15.67 8.13
C GLU A 240 -8.68 16.21 7.86
N ARG A 241 -9.01 16.51 6.63
CA ARG A 241 -10.28 17.20 6.33
C ARG A 241 -10.70 17.00 4.92
N VAL A 242 -11.88 17.46 4.57
CA VAL A 242 -12.27 17.55 3.16
C VAL A 242 -11.30 18.53 2.46
N VAL A 243 -10.84 18.14 1.27
CA VAL A 243 -9.87 18.96 0.52
C VAL A 243 -10.43 19.21 -0.87
N ASP A 244 -10.35 20.47 -1.33
CA ASP A 244 -10.82 20.86 -2.68
C ASP A 244 -9.68 20.75 -3.73
N ARG A 245 -10.09 20.48 -4.94
CA ARG A 245 -9.20 20.44 -6.11
C ARG A 245 -8.38 21.73 -6.23
N THR A 246 -9.06 22.89 -6.33
CA THR A 246 -8.29 24.11 -6.66
C THR A 246 -7.35 24.51 -5.54
N GLU A 247 -7.64 24.22 -4.26
CA GLU A 247 -6.69 24.61 -3.22
C GLU A 247 -5.35 23.85 -3.42
N THR A 248 -5.44 22.62 -3.90
CA THR A 248 -4.21 21.81 -4.07
C THR A 248 -3.32 22.43 -5.15
N TYR A 249 -3.90 23.12 -6.13
CA TYR A 249 -3.08 23.80 -7.16
C TYR A 249 -2.20 24.87 -6.56
N LEU A 250 -2.57 25.43 -5.41
CA LEU A 250 -1.87 26.51 -4.71
C LEU A 250 -0.96 25.99 -3.61
N ALA A 251 -0.78 24.68 -3.49
CA ALA A 251 0.04 24.11 -2.43
C ALA A 251 1.48 24.60 -2.58
N ASP A 252 2.18 24.82 -1.47
CA ASP A 252 3.62 25.13 -1.46
C ASP A 252 4.42 23.84 -1.80
N GLU A 253 3.94 22.70 -1.30
CA GLU A 253 4.57 21.38 -1.53
C GLU A 253 3.45 20.38 -1.61
N ALA A 254 3.74 19.25 -2.19
CA ALA A 254 2.80 18.12 -2.19
C ALA A 254 3.63 16.84 -2.28
N PHE A 255 3.07 15.75 -1.80
CA PHE A 255 3.75 14.43 -1.94
C PHE A 255 2.77 13.32 -1.80
N LEU A 256 3.13 12.23 -2.49
CA LEU A 256 2.45 10.91 -2.32
C LEU A 256 3.11 10.17 -1.18
N CYS A 257 2.30 9.35 -0.52
CA CYS A 257 2.89 8.44 0.43
C CYS A 257 2.20 7.09 0.43
N GLY A 258 3.06 6.09 0.55
CA GLY A 258 2.58 4.70 0.49
C GLY A 258 3.73 3.75 0.73
N THR A 259 3.41 2.48 0.91
CA THR A 259 4.48 1.57 1.30
C THR A 259 5.50 1.45 0.14
N HIS A 260 5.01 1.10 -1.04
CA HIS A 260 5.90 1.01 -2.24
C HIS A 260 6.42 2.41 -2.58
N ALA A 261 5.55 3.42 -2.64
CA ALA A 261 5.91 4.79 -3.07
C ALA A 261 6.80 5.52 -2.08
N GLU A 262 6.86 5.06 -0.85
CA GLU A 262 7.61 5.73 0.23
C GLU A 262 7.06 7.15 0.31
N ILE A 263 7.96 8.15 0.26
CA ILE A 263 7.51 9.55 0.21
C ILE A 263 7.96 10.11 -1.14
N THR A 264 7.02 10.35 -2.04
CA THR A 264 7.30 10.71 -3.44
C THR A 264 6.84 12.14 -3.68
N PRO A 265 7.80 13.08 -3.81
CA PRO A 265 7.41 14.48 -4.01
C PRO A 265 6.68 14.69 -5.33
N ILE A 266 5.74 15.65 -5.31
CA ILE A 266 4.97 16.06 -6.48
C ILE A 266 5.41 17.48 -6.88
N ALA A 267 5.90 17.61 -8.10
CA ALA A 267 6.46 18.90 -8.62
C ALA A 267 5.30 19.81 -9.08
N SER A 268 4.23 19.24 -9.61
CA SER A 268 3.10 19.98 -10.17
C SER A 268 1.84 19.13 -10.17
N ILE A 269 0.70 19.81 -10.19
CA ILE A 269 -0.64 19.21 -10.30
C ILE A 269 -1.42 19.90 -11.39
N ASP A 270 -1.80 19.17 -12.44
CA ASP A 270 -2.41 19.77 -13.64
C ASP A 270 -1.61 21.01 -14.11
N ARG A 271 -0.29 20.87 -14.14
CA ARG A 271 0.59 21.94 -14.63
C ARG A 271 0.45 23.20 -13.81
N HIS A 272 0.17 23.07 -12.52
CA HIS A 272 0.42 24.11 -11.50
C HIS A 272 1.58 23.73 -10.61
N GLU A 273 2.67 24.46 -10.68
CA GLU A 273 3.89 24.11 -9.98
C GLU A 273 3.81 24.40 -8.48
N MET A 274 4.22 23.41 -7.67
CA MET A 274 4.31 23.62 -6.20
C MET A 274 5.41 24.66 -5.94
N LYS A 275 5.03 25.77 -5.27
CA LYS A 275 5.82 27.05 -5.12
C LYS A 275 7.19 26.76 -4.51
N HIS A 276 7.27 25.85 -3.54
CA HIS A 276 8.51 25.64 -2.75
C HIS A 276 9.33 24.43 -3.23
N GLY A 277 9.04 23.92 -4.42
CA GLY A 277 9.88 22.91 -5.04
C GLY A 277 9.43 21.53 -4.65
N ALA A 278 10.20 20.55 -5.08
CA ALA A 278 9.80 19.11 -4.92
C ALA A 278 11.06 18.25 -4.99
N PRO A 279 11.56 17.69 -3.89
CA PRO A 279 11.02 17.87 -2.55
C PRO A 279 11.20 19.29 -2.01
N GLY A 280 10.11 19.86 -1.49
CA GLY A 280 10.21 21.15 -0.78
C GLY A 280 10.78 20.95 0.61
N PRO A 281 10.93 22.05 1.36
CA PRO A 281 11.67 21.98 2.61
C PRO A 281 11.04 21.03 3.62
N ILE A 282 9.73 21.06 3.76
CA ILE A 282 9.08 20.20 4.81
C ILE A 282 9.09 18.77 4.29
N THR A 283 8.79 18.60 3.01
CA THR A 283 8.86 17.23 2.42
C THR A 283 10.26 16.64 2.63
N ARG A 284 11.30 17.43 2.39
CA ARG A 284 12.68 16.90 2.57
C ARG A 284 12.88 16.41 4.03
N GLN A 285 12.46 17.21 4.99
CA GLN A 285 12.57 16.86 6.42
C GLN A 285 11.83 15.55 6.67
N LEU A 286 10.62 15.41 6.16
CA LEU A 286 9.82 14.24 6.47
C LEU A 286 10.44 13.02 5.79
N ARG A 287 10.92 13.19 4.57
CA ARG A 287 11.51 12.03 3.87
C ARG A 287 12.76 11.56 4.63
N ASP A 288 13.55 12.48 5.15
CA ASP A 288 14.81 12.14 5.85
C ASP A 288 14.44 11.48 7.19
N ILE A 289 13.43 11.97 7.87
CA ILE A 289 13.06 11.40 9.18
C ILE A 289 12.50 10.01 8.94
N TYR A 290 11.63 9.88 7.96
CA TYR A 290 11.01 8.57 7.62
C TYR A 290 12.10 7.58 7.30
N ARG A 291 13.09 8.01 6.52
CA ARG A 291 14.23 7.12 6.14
C ARG A 291 14.98 6.64 7.39
N GLU A 292 15.26 7.52 8.35
CA GLU A 292 16.02 7.14 9.55
C GLU A 292 15.19 6.22 10.44
N VAL A 293 13.89 6.38 10.45
CA VAL A 293 12.99 5.46 11.19
C VAL A 293 13.05 4.07 10.55
N VAL A 294 12.79 3.97 9.24
CA VAL A 294 12.52 2.61 8.65
C VAL A 294 13.81 1.78 8.58
N TYR A 295 14.98 2.42 8.62
CA TYR A 295 16.30 1.74 8.57
C TYR A 295 16.80 1.45 9.98
N GLY A 296 15.97 1.69 11.01
CA GLY A 296 16.37 1.39 12.41
C GLY A 296 17.44 2.32 12.97
N ARG A 297 17.42 3.58 12.54
CA ARG A 297 18.39 4.59 12.99
C ARG A 297 17.66 5.66 13.80
N ASP A 298 16.43 5.41 14.28
CA ASP A 298 15.74 6.37 15.19
C ASP A 298 14.98 5.60 16.30
N PHE A 299 15.55 5.54 17.49
CA PHE A 299 15.14 4.68 18.63
C PHE A 299 13.75 5.14 19.09
N ARG A 300 13.35 6.41 18.80
CA ARG A 300 12.03 6.94 19.24
C ARG A 300 10.89 6.11 18.64
N TYR A 301 11.11 5.49 17.50
CA TYR A 301 10.05 4.80 16.71
C TYR A 301 10.38 3.31 16.56
N ARG A 302 11.17 2.75 17.45
CA ARG A 302 11.56 1.32 17.39
C ARG A 302 10.34 0.40 17.41
N ASN A 303 9.26 0.86 18.05
CA ASN A 303 8.08 -0.01 18.28
C ASN A 303 7.38 -0.25 16.94
N TRP A 304 7.72 0.51 15.90
CA TRP A 304 7.16 0.30 14.54
C TRP A 304 7.88 -0.80 13.76
N LEU A 305 9.05 -1.23 14.26
CA LEU A 305 9.95 -2.10 13.45
C LEU A 305 9.87 -3.52 14.01
N THR A 306 9.85 -4.49 13.12
CA THR A 306 10.07 -5.91 13.43
C THR A 306 11.45 -6.30 12.89
N PRO A 307 12.47 -6.55 13.73
CA PRO A 307 13.81 -6.90 13.26
C PRO A 307 13.86 -8.38 12.88
N VAL A 308 14.51 -8.67 11.78
CA VAL A 308 14.83 -10.08 11.40
C VAL A 308 16.35 -10.14 11.29
N GLY A 309 16.99 -10.72 12.28
CA GLY A 309 18.45 -10.87 12.28
C GLY A 309 18.81 -11.96 11.28
N MET A 310 19.73 -11.65 10.38
CA MET A 310 20.10 -12.57 9.31
C MET A 310 21.59 -12.83 9.41
N GLY A 311 22.13 -12.58 10.63
CA GLY A 311 23.45 -13.00 11.16
C GLY A 311 24.58 -12.27 10.45
#